data_6V2H
#
_entry.id   6V2H
#
_cell.length_a   210.750
_cell.length_b   210.750
_cell.length_c   67.200
_cell.angle_alpha   90.000
_cell.angle_beta   90.000
_cell.angle_gamma   120.000
#
_symmetry.space_group_name_H-M   'H 3'
#
loop_
_entity.id
_entity.type
_entity.pdbx_description
1 polymer 'Chromodomain Y-like protein 2'
2 polymer H3tK27me3
3 non-polymer 'NICKEL (II) ION'
4 non-polymer 'UNKNOWN ATOM OR ION'
#
loop_
_entity_poly.entity_id
_entity_poly.type
_entity_poly.pdbx_seq_one_letter_code
_entity_poly.pdbx_strand_id
1 'polypeptide(L)' GASGDLYEVERIVDKRKNKKGKWEYLIRWKGYGSTEDTWEPEHHLLHCEEFIDEFNGLHMSK A,C,E,G,I,K
2 'polypeptide(L)' (ACE)ATKVAR(M3L)SAPAT(NH2) B,D,F,H,J,L
#
loop_
_chem_comp.id
_chem_comp.type
_chem_comp.name
_chem_comp.formula
ACE non-polymer 'ACETYL GROUP' 'C2 H4 O'
NH2 non-polymer 'AMINO GROUP' 'H2 N'
NI non-polymer 'NICKEL (II) ION' 'Ni 2'
UNX non-polymer 'UNKNOWN ATOM OR ION' ?
#
# COMPACT_ATOMS: atom_id res chain seq x y z
N GLY A 1 -18.98 3.10 18.67
CA GLY A 1 -18.86 4.59 18.90
C GLY A 1 -17.81 5.27 18.05
N GLY A 4 -12.39 7.26 16.58
CA GLY A 4 -11.62 6.59 15.53
C GLY A 4 -11.22 7.57 14.45
N ASP A 5 -10.00 7.42 13.93
CA ASP A 5 -9.47 8.35 12.95
C ASP A 5 -10.03 8.05 11.58
N LEU A 6 -10.29 9.10 10.81
CA LEU A 6 -10.78 8.94 9.45
C LEU A 6 -9.65 8.56 8.49
N TYR A 7 -9.91 7.57 7.65
CA TYR A 7 -9.05 7.24 6.52
C TYR A 7 -9.89 7.07 5.27
N GLU A 8 -9.29 7.37 4.12
CA GLU A 8 -9.95 7.18 2.85
C GLU A 8 -10.12 5.70 2.55
N VAL A 9 -11.31 5.34 2.06
CA VAL A 9 -11.67 3.97 1.67
C VAL A 9 -11.41 3.78 0.18
N GLU A 10 -10.84 2.64 -0.19
CA GLU A 10 -10.63 2.30 -1.59
C GLU A 10 -11.74 1.45 -2.15
N ARG A 11 -12.10 0.40 -1.42
CA ARG A 11 -13.26 -0.39 -1.75
C ARG A 11 -13.68 -1.28 -0.60
N ILE A 12 -14.81 -1.95 -0.80
CA ILE A 12 -15.31 -2.92 0.15
C ILE A 12 -15.05 -4.32 -0.40
N VAL A 13 -14.37 -5.13 0.43
CA VAL A 13 -13.87 -6.46 0.05
C VAL A 13 -14.88 -7.55 0.36
N ASP A 14 -15.66 -7.37 1.44
CA ASP A 14 -16.61 -8.38 1.90
C ASP A 14 -17.62 -7.76 2.85
N LYS A 15 -18.71 -8.47 3.13
CA LYS A 15 -19.66 -8.02 4.13
C LYS A 15 -20.22 -9.18 4.90
N ARG A 16 -20.78 -8.90 6.08
CA ARG A 16 -21.37 -9.94 6.94
C ARG A 16 -22.33 -9.34 7.96
N LYS A 17 -23.16 -10.18 8.56
CA LYS A 17 -24.05 -9.78 9.65
C LYS A 17 -23.36 -10.01 10.98
N ASN A 18 -23.48 -9.04 11.89
CA ASN A 18 -23.04 -9.22 13.29
C ASN A 18 -24.12 -9.93 14.12
N LYS A 19 -23.83 -10.20 15.40
CA LYS A 19 -24.80 -10.85 16.33
C LYS A 19 -26.14 -10.09 16.41
N LYS A 20 -26.10 -8.76 16.33
CA LYS A 20 -27.30 -7.91 16.37
C LYS A 20 -28.03 -7.74 15.00
N GLY A 21 -27.62 -8.49 13.98
CA GLY A 21 -28.29 -8.47 12.68
C GLY A 21 -27.97 -7.30 11.74
N LYS A 22 -26.99 -6.44 12.10
CA LYS A 22 -26.61 -5.28 11.28
C LYS A 22 -25.39 -5.61 10.44
N TRP A 23 -25.21 -4.91 9.32
CA TRP A 23 -24.07 -5.15 8.42
C TRP A 23 -22.74 -4.66 9.01
N GLU A 24 -21.69 -5.41 8.71
CA GLU A 24 -20.32 -5.00 8.93
C GLU A 24 -19.60 -5.19 7.61
N TYR A 25 -18.65 -4.29 7.30
CA TYR A 25 -17.97 -4.32 6.02
C TYR A 25 -16.46 -4.45 6.20
N LEU A 26 -15.85 -5.25 5.33
CA LEU A 26 -14.40 -5.43 5.33
C LEU A 26 -13.82 -4.38 4.40
N ILE A 27 -13.09 -3.43 4.97
CA ILE A 27 -12.65 -2.25 4.26
C ILE A 27 -11.23 -2.41 3.77
N ARG A 28 -11.03 -2.08 2.50
CA ARG A 28 -9.71 -1.89 1.92
C ARG A 28 -9.44 -0.41 2.01
N TRP A 29 -8.41 -0.04 2.75
CA TRP A 29 -8.05 1.35 3.00
C TRP A 29 -7.09 1.83 1.93
N LYS A 30 -7.41 2.96 1.26
CA LYS A 30 -6.55 3.50 0.21
C LYS A 30 -5.12 3.68 0.73
N GLY A 31 -4.16 3.16 -0.04
CA GLY A 31 -2.75 3.24 0.28
C GLY A 31 -2.25 2.10 1.14
N TYR A 32 -3.11 1.13 1.44
CA TYR A 32 -2.75 -0.02 2.26
C TYR A 32 -3.12 -1.31 1.54
N GLY A 33 -2.52 -2.39 1.98
CA GLY A 33 -2.70 -3.70 1.36
C GLY A 33 -3.75 -4.50 2.10
N SER A 34 -4.03 -5.67 1.56
CA SER A 34 -5.01 -6.58 2.14
C SER A 34 -4.71 -6.95 3.59
N THR A 35 -3.43 -7.02 3.98
CA THR A 35 -3.06 -7.34 5.37
C THR A 35 -3.61 -6.34 6.40
N GLU A 36 -3.88 -5.10 5.97
CA GLU A 36 -4.40 -4.08 6.88
C GLU A 36 -5.93 -3.93 6.83
N ASP A 37 -6.64 -4.81 6.12
CA ASP A 37 -8.11 -4.67 6.03
C ASP A 37 -8.75 -4.84 7.41
N THR A 38 -9.81 -4.10 7.66
CA THR A 38 -10.52 -4.22 8.93
C THR A 38 -12.00 -4.32 8.72
N TRP A 39 -12.66 -5.07 9.60
CA TRP A 39 -14.10 -5.13 9.64
C TRP A 39 -14.60 -3.91 10.40
N GLU A 40 -15.54 -3.17 9.79
CA GLU A 40 -16.11 -1.98 10.40
C GLU A 40 -17.63 -1.99 10.33
N PRO A 41 -18.31 -1.53 11.40
CA PRO A 41 -19.79 -1.42 11.30
C PRO A 41 -20.22 -0.25 10.42
N GLU A 42 -21.47 -0.29 9.94
CA GLU A 42 -22.06 0.77 9.10
C GLU A 42 -21.76 2.17 9.63
N HIS A 43 -21.95 2.39 10.94
CA HIS A 43 -21.80 3.74 11.52
C HIS A 43 -20.38 4.34 11.34
N HIS A 44 -19.37 3.50 11.13
CA HIS A 44 -18.03 3.99 10.85
C HIS A 44 -17.82 4.46 9.41
N LEU A 45 -18.70 4.08 8.48
CA LEU A 45 -18.59 4.50 7.09
C LEU A 45 -19.31 5.81 6.89
N LEU A 46 -18.63 6.79 6.30
CA LEU A 46 -19.23 8.09 6.02
C LEU A 46 -19.48 8.17 4.52
N HIS A 47 -20.75 8.15 4.14
CA HIS A 47 -21.18 8.19 2.75
C HIS A 47 -20.29 7.34 1.83
N CYS A 48 -20.26 6.03 2.11
CA CYS A 48 -19.59 5.03 1.28
C CYS A 48 -20.59 4.25 0.43
N GLU A 49 -21.73 4.85 0.13
CA GLU A 49 -22.79 4.19 -0.64
C GLU A 49 -22.29 3.64 -1.96
N GLU A 50 -21.41 4.36 -2.62
CA GLU A 50 -20.91 3.96 -3.93
C GLU A 50 -20.16 2.63 -3.83
N PHE A 51 -19.33 2.51 -2.79
CA PHE A 51 -18.57 1.28 -2.58
C PHE A 51 -19.46 0.11 -2.16
N ILE A 52 -20.48 0.39 -1.34
CA ILE A 52 -21.46 -0.63 -0.95
C ILE A 52 -22.25 -1.12 -2.18
N ASP A 53 -22.68 -0.19 -3.03
CA ASP A 53 -23.40 -0.56 -4.26
C ASP A 53 -22.52 -1.39 -5.21
N GLU A 54 -21.25 -0.99 -5.36
CA GLU A 54 -20.30 -1.71 -6.22
C GLU A 54 -20.15 -3.15 -5.75
N PHE A 55 -19.99 -3.32 -4.44
CA PHE A 55 -19.90 -4.65 -3.85
C PHE A 55 -21.16 -5.47 -4.06
N ASN A 56 -22.32 -4.90 -3.80
CA ASN A 56 -23.60 -5.61 -4.02
C ASN A 56 -23.97 -5.82 -5.50
N GLY A 57 -23.29 -5.14 -6.41
CA GLY A 57 -23.50 -5.34 -7.85
C GLY A 57 -24.49 -4.38 -8.47
N LEU A 58 -25.03 -3.44 -7.68
CA LEU A 58 -25.97 -2.43 -8.24
C LEU A 58 -25.34 -1.51 -9.34
N HIS A 59 -24.02 -1.30 -9.30
CA HIS A 59 -23.21 -0.67 -10.40
C HIS A 59 -22.90 0.82 -10.11
C ACE B 1 -20.10 14.91 3.87
O ACE B 1 -20.16 14.58 2.68
CH3 ACE B 1 -21.20 15.75 4.48
N ALA B 2 -19.07 14.51 4.69
CA ALA B 2 -17.89 13.75 4.17
C ALA B 2 -18.29 12.46 3.51
N THR B 3 -17.57 12.10 2.43
CA THR B 3 -17.86 10.89 1.63
C THR B 3 -16.58 10.08 1.41
N LYS B 4 -16.76 8.77 1.27
CA LYS B 4 -15.70 7.81 0.91
C LYS B 4 -14.59 7.71 1.94
N VAL B 5 -14.93 8.00 3.20
CA VAL B 5 -14.04 7.84 4.31
C VAL B 5 -14.72 7.05 5.41
N ALA B 6 -13.91 6.53 6.32
CA ALA B 6 -14.45 5.75 7.40
C ALA B 6 -13.55 5.77 8.54
N ARG B 7 -14.12 5.56 9.73
CA ARG B 7 -13.35 5.55 10.94
C ARG B 7 -12.78 4.16 11.05
N M3L B 8 -11.53 4.04 11.49
CA M3L B 8 -10.83 2.75 11.55
CB M3L B 8 -9.48 2.96 10.90
CG M3L B 8 -8.71 1.67 10.62
CD M3L B 8 -7.27 2.06 10.38
CE M3L B 8 -6.54 1.14 9.44
NZ M3L B 8 -5.33 1.75 8.84
C M3L B 8 -10.61 2.30 12.97
O M3L B 8 -10.14 3.08 13.79
CM1 M3L B 8 -4.49 0.61 8.42
CM2 M3L B 8 -4.50 2.56 9.74
CM3 M3L B 8 -5.68 2.56 7.64
N SER B 9 -10.88 1.03 13.25
CA SER B 9 -10.76 0.45 14.60
C SER B 9 -9.37 -0.13 14.90
N ALA B 10 -9.07 -0.22 16.21
CA ALA B 10 -7.82 -0.83 16.71
C ALA B 10 -7.85 -2.37 16.63
N GLY C 1 -14.03 -19.05 -19.52
CA GLY C 1 -14.17 -20.54 -19.69
C GLY C 1 -13.10 -21.45 -19.08
N ALA C 2 -13.21 -22.74 -19.43
CA ALA C 2 -12.31 -23.81 -18.95
C ALA C 2 -11.03 -24.01 -19.80
N SER C 3 -10.73 -23.06 -20.72
CA SER C 3 -9.39 -22.99 -21.32
C SER C 3 -8.41 -22.45 -20.29
N GLY C 4 -7.13 -22.52 -20.64
CA GLY C 4 -6.04 -22.04 -19.78
C GLY C 4 -5.37 -23.21 -19.08
N ASP C 5 -4.04 -23.12 -18.94
CA ASP C 5 -3.26 -24.19 -18.35
C ASP C 5 -3.38 -24.18 -16.86
N LEU C 6 -3.39 -25.38 -16.27
CA LEU C 6 -3.36 -25.53 -14.83
C LEU C 6 -1.97 -25.26 -14.25
N TYR C 7 -1.95 -24.48 -13.17
CA TYR C 7 -0.76 -24.33 -12.34
C TYR C 7 -1.15 -24.50 -10.88
N GLU C 8 -0.21 -24.98 -10.07
CA GLU C 8 -0.43 -25.11 -8.65
C GLU C 8 -0.50 -23.74 -8.00
N VAL C 9 -1.45 -23.58 -7.09
CA VAL C 9 -1.68 -22.34 -6.32
C VAL C 9 -0.96 -22.42 -4.99
N GLU C 10 -0.32 -21.33 -4.58
CA GLU C 10 0.35 -21.24 -3.28
C GLU C 10 -0.54 -20.62 -2.23
N ARG C 11 -1.13 -19.49 -2.56
CA ARG C 11 -2.17 -18.89 -1.73
C ARG C 11 -2.94 -17.81 -2.48
N ILE C 12 -3.97 -17.30 -1.83
CA ILE C 12 -4.78 -16.22 -2.33
C ILE C 12 -4.39 -14.93 -1.63
N VAL C 13 -4.03 -13.92 -2.41
CA VAL C 13 -3.48 -12.64 -1.95
C VAL C 13 -4.57 -11.60 -1.72
N ASP C 14 -5.64 -11.66 -2.49
CA ASP C 14 -6.73 -10.68 -2.43
C ASP C 14 -7.98 -11.20 -3.11
N LYS C 15 -9.12 -10.57 -2.89
CA LYS C 15 -10.34 -10.91 -3.61
C LYS C 15 -11.16 -9.68 -3.92
N ARG C 16 -12.06 -9.79 -4.88
CA ARG C 16 -12.93 -8.68 -5.29
C ARG C 16 -14.16 -9.17 -6.06
N LYS C 17 -15.16 -8.32 -6.18
CA LYS C 17 -16.35 -8.60 -7.00
C LYS C 17 -16.13 -8.04 -8.38
N ASN C 18 -16.49 -8.81 -9.41
CA ASN C 18 -16.51 -8.30 -10.80
C ASN C 18 -17.85 -7.56 -11.09
N LYS C 19 -17.99 -7.02 -12.30
CA LYS C 19 -19.22 -6.30 -12.72
C LYS C 19 -20.50 -7.16 -12.57
N LYS C 20 -20.37 -8.47 -12.82
CA LYS C 20 -21.49 -9.42 -12.68
C LYS C 20 -21.73 -9.95 -11.24
N GLY C 21 -21.06 -9.37 -10.23
CA GLY C 21 -21.28 -9.72 -8.84
C GLY C 21 -20.63 -11.02 -8.32
N LYS C 22 -19.79 -11.68 -9.14
CA LYS C 22 -19.13 -12.93 -8.74
C LYS C 22 -17.70 -12.65 -8.26
N TRP C 23 -17.17 -13.54 -7.42
CA TRP C 23 -15.80 -13.36 -6.89
C TRP C 23 -14.71 -13.56 -7.94
N GLU C 24 -13.65 -12.78 -7.81
CA GLU C 24 -12.40 -12.99 -8.50
C GLU C 24 -11.32 -13.00 -7.44
N TYR C 25 -10.30 -13.83 -7.62
CA TYR C 25 -9.23 -14.00 -6.65
C TYR C 25 -7.87 -13.71 -7.25
N LEU C 26 -7.02 -13.02 -6.48
CA LEU C 26 -5.66 -12.71 -6.89
C LEU C 26 -4.79 -13.86 -6.42
N ILE C 27 -4.26 -14.61 -7.38
CA ILE C 27 -3.59 -15.87 -7.10
C ILE C 27 -2.08 -15.68 -7.05
N ARG C 28 -1.46 -16.22 -6.01
CA ARG C 28 -0.02 -16.41 -5.92
C ARG C 28 0.23 -17.81 -6.40
N TRP C 29 0.98 -17.93 -7.50
CA TRP C 29 1.25 -19.23 -8.13
C TRP C 29 2.51 -19.84 -7.53
N LYS C 30 2.44 -21.08 -7.07
CA LYS C 30 3.60 -21.76 -6.47
C LYS C 30 4.76 -21.74 -7.43
N GLY C 31 5.93 -21.29 -6.93
CA GLY C 31 7.15 -21.23 -7.71
C GLY C 31 7.33 -19.93 -8.46
N TYR C 32 6.41 -18.98 -8.27
CA TYR C 32 6.47 -17.68 -8.91
C TYR C 32 6.36 -16.59 -7.87
N GLY C 33 6.76 -15.38 -8.26
CA GLY C 33 6.77 -14.25 -7.35
C GLY C 33 5.50 -13.43 -7.44
N SER C 34 5.42 -12.43 -6.58
CA SER C 34 4.31 -11.48 -6.60
C SER C 34 4.13 -10.79 -7.97
N THR C 35 5.21 -10.58 -8.72
CA THR C 35 5.11 -9.95 -10.05
C THR C 35 4.25 -10.74 -11.04
N GLU C 36 4.12 -12.06 -10.84
CA GLU C 36 3.32 -12.90 -11.71
C GLU C 36 1.90 -13.16 -11.21
N ASP C 37 1.44 -12.50 -10.15
CA ASP C 37 0.09 -12.75 -9.63
C ASP C 37 -0.96 -12.37 -10.67
N THR C 38 -2.05 -13.14 -10.74
CA THR C 38 -3.11 -12.83 -11.67
C THR C 38 -4.46 -12.92 -10.99
N TRP C 39 -5.37 -12.09 -11.46
CA TRP C 39 -6.76 -12.15 -11.04
C TRP C 39 -7.47 -13.24 -11.82
N GLU C 40 -8.13 -14.16 -11.13
CA GLU C 40 -8.84 -15.27 -11.76
C GLU C 40 -10.26 -15.42 -11.22
N PRO C 41 -11.24 -15.70 -12.09
CA PRO C 41 -12.59 -15.99 -11.57
C PRO C 41 -12.70 -17.33 -10.85
N GLU C 42 -13.73 -17.50 -10.01
CA GLU C 42 -14.02 -18.75 -9.28
C GLU C 42 -13.87 -19.98 -10.17
N HIS C 43 -14.46 -19.97 -11.37
CA HIS C 43 -14.47 -21.15 -12.24
C HIS C 43 -13.06 -21.64 -12.65
N HIS C 44 -12.05 -20.77 -12.58
CA HIS C 44 -10.67 -21.18 -12.83
C HIS C 44 -10.01 -21.91 -11.65
N LEU C 45 -10.57 -21.81 -10.45
CA LEU C 45 -9.99 -22.48 -9.28
C LEU C 45 -10.59 -23.87 -9.15
N LEU C 46 -9.75 -24.88 -9.03
CA LEU C 46 -10.20 -26.26 -8.86
C LEU C 46 -9.94 -26.66 -7.41
N HIS C 47 -11.03 -26.82 -6.65
CA HIS C 47 -10.95 -27.18 -5.24
C HIS C 47 -9.80 -26.44 -4.50
N CYS C 48 -9.89 -25.12 -4.49
CA CYS C 48 -8.99 -24.26 -3.71
C CYS C 48 -9.66 -23.74 -2.43
N GLU C 49 -10.60 -24.50 -1.90
CA GLU C 49 -11.37 -24.09 -0.71
C GLU C 49 -10.47 -23.76 0.46
N GLU C 50 -9.37 -24.50 0.63
CA GLU C 50 -8.47 -24.28 1.74
C GLU C 50 -7.86 -22.88 1.67
N PHE C 51 -7.44 -22.47 0.49
CA PHE C 51 -6.84 -21.17 0.28
C PHE C 51 -7.86 -20.04 0.42
N ILE C 52 -9.09 -20.27 -0.05
CA ILE C 52 -10.17 -19.30 0.12
C ILE C 52 -10.51 -19.12 1.61
N ASP C 53 -10.58 -20.23 2.34
CA ASP C 53 -10.84 -20.16 3.79
C ASP C 53 -9.71 -19.43 4.54
N GLU C 54 -8.45 -19.71 4.18
CA GLU C 54 -7.28 -19.08 4.79
C GLU C 54 -7.35 -17.57 4.60
N PHE C 55 -7.66 -17.14 3.37
CA PHE C 55 -7.82 -15.73 3.08
C PHE C 55 -8.96 -15.08 3.86
N ASN C 56 -10.12 -15.71 3.89
CA ASN C 56 -11.26 -15.16 4.66
C ASN C 56 -11.10 -15.27 6.19
N GLY C 57 -10.13 -16.04 6.67
CA GLY C 57 -9.84 -16.12 8.10
C GLY C 57 -8.78 -15.16 8.60
N LEU C 58 -8.25 -14.29 7.72
CA LEU C 58 -7.20 -13.36 8.12
C LEU C 58 -7.61 -12.34 9.20
N HIS C 59 -8.90 -11.94 9.22
CA HIS C 59 -9.40 -10.97 10.18
C HIS C 59 -10.65 -11.47 10.95
N MET C 60 -10.79 -12.80 11.04
CA MET C 60 -11.95 -13.47 11.73
C MET C 60 -11.52 -14.12 13.05
C ACE D 1 -9.95 -33.51 -8.23
O ACE D 1 -9.57 -33.55 -7.04
CH3 ACE D 1 -11.25 -34.16 -8.65
N ALA D 2 -9.22 -32.86 -9.21
CA ALA D 2 -7.94 -32.11 -8.91
C ALA D 2 -8.16 -30.99 -7.92
N THR D 3 -7.17 -30.76 -7.07
CA THR D 3 -7.24 -29.77 -6.01
C THR D 3 -6.03 -28.83 -6.03
N LYS D 4 -6.20 -27.67 -5.39
CA LYS D 4 -5.16 -26.67 -5.20
C LYS D 4 -4.44 -26.31 -6.48
N VAL D 5 -5.19 -26.23 -7.57
CA VAL D 5 -4.65 -25.82 -8.86
C VAL D 5 -5.65 -24.87 -9.46
N ALA D 6 -5.20 -24.08 -10.43
CA ALA D 6 -6.12 -23.19 -11.13
C ALA D 6 -5.63 -22.88 -12.54
N ARG D 7 -6.57 -22.41 -13.37
CA ARG D 7 -6.28 -22.02 -14.73
C ARG D 7 -5.85 -20.56 -14.72
N M3L D 8 -4.79 -20.27 -15.47
CA M3L D 8 -4.18 -18.96 -15.50
CB M3L D 8 -2.66 -19.13 -15.43
CG M3L D 8 -1.91 -17.79 -15.31
CD M3L D 8 -0.65 -17.87 -14.44
CE M3L D 8 0.61 -17.97 -15.31
NZ M3L D 8 1.89 -18.06 -14.57
C M3L D 8 -4.57 -18.26 -16.76
O M3L D 8 -4.44 -18.82 -17.85
CM1 M3L D 8 2.22 -16.80 -13.93
CM2 M3L D 8 2.97 -18.36 -15.55
CM3 M3L D 8 1.88 -19.13 -13.55
N SER D 9 -5.03 -17.03 -16.64
CA SER D 9 -5.38 -16.19 -17.78
C SER D 9 -4.10 -15.48 -18.27
N ALA D 10 -4.01 -15.26 -19.57
CA ALA D 10 -2.88 -14.51 -20.16
C ALA D 10 -3.06 -13.00 -19.89
N GLY E 1 3.22 18.35 2.26
CA GLY E 1 2.87 16.99 1.70
C GLY E 1 1.54 16.36 2.13
N ALA E 2 1.36 15.08 1.78
CA ALA E 2 0.14 14.30 2.10
C ALA E 2 0.18 13.59 3.49
N SER E 3 1.14 13.97 4.35
CA SER E 3 1.07 13.62 5.78
C SER E 3 0.00 14.47 6.44
N GLY E 4 -0.33 14.10 7.67
CA GLY E 4 -1.40 14.77 8.43
C GLY E 4 -2.68 13.96 8.38
N ASP E 5 -3.39 13.94 9.50
CA ASP E 5 -4.57 13.07 9.65
C ASP E 5 -5.75 13.75 8.98
N LEU E 6 -6.62 12.96 8.34
CA LEU E 6 -7.85 13.45 7.78
C LEU E 6 -8.90 13.74 8.85
N TYR E 7 -9.53 14.91 8.75
CA TYR E 7 -10.70 15.26 9.52
C TYR E 7 -11.75 15.85 8.58
N GLU E 8 -13.01 15.67 8.94
CA GLU E 8 -14.12 16.26 8.20
C GLU E 8 -14.10 17.78 8.38
N VAL E 9 -14.33 18.49 7.27
CA VAL E 9 -14.40 19.95 7.22
C VAL E 9 -15.85 20.41 7.36
N GLU E 10 -16.07 21.47 8.13
CA GLU E 10 -17.37 22.07 8.29
C GLU E 10 -17.58 23.24 7.35
N ARG E 11 -16.62 24.14 7.31
CA ARG E 11 -16.60 25.22 6.36
C ARG E 11 -15.23 25.85 6.23
N ILE E 12 -15.11 26.75 5.25
CA ILE E 12 -13.93 27.57 5.09
C ILE E 12 -14.24 28.98 5.60
N VAL E 13 -13.41 29.45 6.52
CA VAL E 13 -13.62 30.69 7.28
C VAL E 13 -12.94 31.87 6.59
N ASP E 14 -11.80 31.61 5.93
CA ASP E 14 -11.01 32.68 5.30
C ASP E 14 -10.06 32.08 4.28
N LYS E 15 -9.47 32.92 3.44
CA LYS E 15 -8.43 32.46 2.53
C LYS E 15 -7.37 33.52 2.34
N ARG E 16 -6.19 33.11 1.90
CA ARG E 16 -5.08 34.04 1.68
C ARG E 16 -4.05 33.45 0.73
N LYS E 17 -3.19 34.32 0.19
CA LYS E 17 -2.05 33.91 -0.60
C LYS E 17 -0.85 33.80 0.32
N ASN E 18 -0.06 32.73 0.16
CA ASN E 18 1.23 32.61 0.86
C ASN E 18 2.34 33.36 0.11
N LYS E 19 3.56 33.35 0.63
CA LYS E 19 4.73 34.01 -0.01
C LYS E 19 4.97 33.54 -1.47
N LYS E 20 4.70 32.26 -1.73
CA LYS E 20 4.85 31.69 -3.09
C LYS E 20 3.61 31.89 -4.02
N GLY E 21 2.63 32.69 -3.60
CA GLY E 21 1.45 32.98 -4.42
C GLY E 21 0.36 31.91 -4.52
N LYS E 22 0.44 30.87 -3.72
CA LYS E 22 -0.58 29.77 -3.72
C LYS E 22 -1.59 29.98 -2.60
N TRP E 23 -2.85 29.51 -2.81
CA TRP E 23 -3.89 29.64 -1.80
C TRP E 23 -3.64 28.82 -0.53
N GLU E 24 -4.01 29.40 0.61
CA GLU E 24 -4.18 28.69 1.84
C GLU E 24 -5.57 29.00 2.35
N TYR E 25 -6.20 28.03 3.00
CA TYR E 25 -7.56 28.19 3.51
C TYR E 25 -7.61 27.96 5.02
N LEU E 26 -8.40 28.79 5.69
CA LEU E 26 -8.60 28.67 7.14
C LEU E 26 -9.79 27.74 7.33
N ILE E 27 -9.53 26.57 7.89
CA ILE E 27 -10.49 25.50 7.97
C ILE E 27 -11.16 25.47 9.33
N ARG E 28 -12.50 25.40 9.32
CA ARG E 28 -13.29 25.08 10.47
C ARG E 28 -13.54 23.59 10.40
N TRP E 29 -13.05 22.86 11.40
CA TRP E 29 -13.13 21.41 11.44
C TRP E 29 -14.42 20.99 12.14
N LYS E 30 -15.21 20.12 11.51
CA LYS E 30 -16.48 19.68 12.09
C LYS E 30 -16.26 19.10 13.47
N GLY E 31 -17.03 19.57 14.43
CA GLY E 31 -16.96 19.12 15.82
C GLY E 31 -15.96 19.89 16.67
N TYR E 32 -15.34 20.91 16.10
CA TYR E 32 -14.37 21.73 16.81
C TYR E 32 -14.76 23.21 16.69
N GLY E 33 -14.20 24.01 17.57
CA GLY E 33 -14.52 25.43 17.64
C GLY E 33 -13.58 26.28 16.84
N SER E 34 -13.88 27.56 16.76
CA SER E 34 -13.01 28.52 16.11
C SER E 34 -11.56 28.52 16.67
N THR E 35 -11.38 28.22 17.96
CA THR E 35 -10.04 28.15 18.54
C THR E 35 -9.12 27.11 17.89
N GLU E 36 -9.69 26.08 17.28
CA GLU E 36 -8.92 25.02 16.63
C GLU E 36 -8.76 25.22 15.12
N ASP E 37 -9.17 26.35 14.56
CA ASP E 37 -9.06 26.55 13.10
C ASP E 37 -7.59 26.53 12.68
N THR E 38 -7.31 25.98 11.51
CA THR E 38 -5.95 25.96 11.00
C THR E 38 -5.91 26.39 9.56
N TRP E 39 -4.81 27.04 9.22
CA TRP E 39 -4.51 27.39 7.84
C TRP E 39 -3.93 26.17 7.14
N GLU E 40 -4.50 25.79 6.00
CA GLU E 40 -4.07 24.62 5.24
C GLU E 40 -3.89 24.95 3.77
N PRO E 41 -2.83 24.43 3.13
CA PRO E 41 -2.72 24.63 1.68
C PRO E 41 -3.72 23.79 0.86
N GLU E 42 -3.98 24.20 -0.38
CA GLU E 42 -4.88 23.50 -1.31
C GLU E 42 -4.70 21.96 -1.26
N HIS E 43 -3.44 21.49 -1.33
CA HIS E 43 -3.17 20.05 -1.45
C HIS E 43 -3.67 19.24 -0.24
N HIS E 44 -3.89 19.88 0.91
CA HIS E 44 -4.47 19.20 2.07
C HIS E 44 -5.99 19.02 1.97
N LEU E 45 -6.67 19.75 1.09
CA LEU E 45 -8.13 19.63 0.95
C LEU E 45 -8.45 18.57 -0.07
N LEU E 46 -9.32 17.64 0.30
CA LEU E 46 -9.76 16.59 -0.63
C LEU E 46 -11.18 16.91 -1.04
N HIS E 47 -11.35 17.29 -2.30
CA HIS E 47 -12.64 17.65 -2.88
C HIS E 47 -13.52 18.47 -1.88
N CYS E 48 -13.00 19.63 -1.51
CA CYS E 48 -13.72 20.63 -0.71
C CYS E 48 -14.23 21.79 -1.57
N GLU E 49 -14.49 21.51 -2.86
CA GLU E 49 -14.99 22.52 -3.79
C GLU E 49 -16.24 23.24 -3.27
N GLU E 50 -17.13 22.49 -2.61
CA GLU E 50 -18.37 23.08 -2.13
C GLU E 50 -18.10 24.18 -1.10
N PHE E 51 -17.17 23.91 -0.20
CA PHE E 51 -16.80 24.86 0.84
C PHE E 51 -16.05 26.05 0.29
N ILE E 52 -15.19 25.82 -0.70
CA ILE E 52 -14.50 26.93 -1.39
C ILE E 52 -15.51 27.83 -2.12
N ASP E 53 -16.47 27.22 -2.81
CA ASP E 53 -17.52 27.99 -3.49
C ASP E 53 -18.37 28.81 -2.50
N GLU E 54 -18.75 28.20 -1.37
CA GLU E 54 -19.56 28.85 -0.32
C GLU E 54 -18.81 30.09 0.18
N PHE E 55 -17.51 29.94 0.46
CA PHE E 55 -16.69 31.06 0.89
C PHE E 55 -16.59 32.16 -0.15
N ASN E 56 -16.32 31.80 -1.41
CA ASN E 56 -16.25 32.81 -2.49
C ASN E 56 -17.61 33.40 -2.90
N GLY E 57 -18.72 32.82 -2.45
CA GLY E 57 -20.04 33.36 -2.70
C GLY E 57 -20.57 34.28 -1.62
N LEU E 58 -19.77 34.56 -0.57
CA LEU E 58 -20.21 35.44 0.52
C LEU E 58 -20.48 36.88 0.09
N HIS E 59 -19.76 37.39 -0.90
CA HIS E 59 -19.93 38.73 -1.40
CA HIS E 59 -19.97 38.80 -1.32
C HIS E 59 -20.08 38.72 -2.94
C HIS E 59 -20.49 39.09 -2.75
N MET E 60 -20.20 37.52 -3.57
N MET E 60 -21.43 40.05 -2.83
CA MET E 60 -20.41 37.35 -5.03
CA MET E 60 -22.16 40.41 -4.06
C MET E 60 -21.82 36.85 -5.31
C MET E 60 -23.34 39.47 -4.24
C ACE F 1 -13.03 10.62 -3.05
O ACE F 1 -14.02 11.36 -3.21
CH3 ACE F 1 -12.40 9.89 -4.24
N ALA F 2 -12.44 10.47 -1.83
CA ALA F 2 -12.81 11.28 -0.61
C ALA F 2 -13.14 12.73 -0.86
N THR F 3 -14.16 13.22 -0.15
CA THR F 3 -14.68 14.59 -0.29
C THR F 3 -15.03 15.18 1.08
N LYS F 4 -14.94 16.49 1.14
CA LYS F 4 -15.28 17.27 2.32
C LYS F 4 -14.50 16.86 3.56
N VAL F 5 -13.23 16.51 3.32
CA VAL F 5 -12.27 16.28 4.37
C VAL F 5 -10.97 16.93 3.94
N ALA F 6 -10.12 17.14 4.93
CA ALA F 6 -8.81 17.67 4.69
C ALA F 6 -7.84 17.17 5.76
N ARG F 7 -6.54 17.30 5.45
CA ARG F 7 -5.44 16.97 6.35
C ARG F 7 -5.10 18.14 7.24
N M3L F 8 -5.08 17.89 8.55
CA M3L F 8 -4.82 18.93 9.54
CB M3L F 8 -5.57 18.61 10.81
CG M3L F 8 -5.51 19.79 11.78
CD M3L F 8 -6.81 19.97 12.57
CE M3L F 8 -6.81 18.98 13.71
NZ M3L F 8 -7.85 19.17 14.72
C M3L F 8 -3.35 19.00 9.80
O M3L F 8 -2.68 17.98 9.85
CM1 M3L F 8 -7.76 20.51 15.34
CM2 M3L F 8 -7.63 18.14 15.75
CM3 M3L F 8 -9.18 18.92 14.16
N SER F 9 -2.85 20.21 9.99
CA SER F 9 -1.44 20.41 10.26
C SER F 9 -1.19 20.53 11.76
N ALA F 10 -0.07 19.96 12.19
CA ALA F 10 0.36 19.94 13.59
C ALA F 10 0.87 21.34 14.02
N GLY G 1 20.66 18.80 -13.01
CA GLY G 1 21.17 17.51 -12.44
C GLY G 1 20.18 16.58 -11.70
N ALA G 2 20.78 15.58 -11.03
CA ALA G 2 20.06 14.54 -10.29
C ALA G 2 19.74 14.91 -8.81
N SER G 3 19.90 16.19 -8.44
CA SER G 3 19.32 16.69 -7.18
C SER G 3 17.80 16.81 -7.34
N GLY G 4 17.13 17.06 -6.22
CA GLY G 4 15.67 17.26 -6.20
C GLY G 4 14.98 16.01 -5.70
N ASP G 5 13.94 16.20 -4.86
CA ASP G 5 13.24 15.11 -4.23
C ASP G 5 12.30 14.45 -5.21
N LEU G 6 12.19 13.12 -5.09
CA LEU G 6 11.28 12.35 -5.94
C LEU G 6 9.84 12.49 -5.47
N TYR G 7 8.95 12.73 -6.43
CA TYR G 7 7.51 12.65 -6.21
C TYR G 7 6.86 11.85 -7.31
N GLU G 8 5.76 11.19 -6.99
CA GLU G 8 4.98 10.46 -7.97
C GLU G 8 4.33 11.40 -8.95
N VAL G 9 4.38 11.03 -10.23
CA VAL G 9 3.78 11.79 -11.34
C VAL G 9 2.38 11.24 -11.63
N GLU G 10 1.41 12.15 -11.84
CA GLU G 10 0.06 11.74 -12.20
C GLU G 10 -0.14 11.75 -13.70
N ARG G 11 0.25 12.85 -14.34
CA ARG G 11 0.27 12.93 -15.78
C ARG G 11 1.08 14.10 -16.24
N ILE G 12 1.24 14.17 -17.55
CA ILE G 12 1.93 15.25 -18.24
C ILE G 12 0.86 16.17 -18.86
N VAL G 13 0.94 17.45 -18.51
CA VAL G 13 -0.05 18.47 -18.89
C VAL G 13 0.32 19.14 -20.21
N ASP G 14 1.62 19.31 -20.45
CA ASP G 14 2.11 20.05 -21.62
C ASP G 14 3.57 19.74 -21.86
N LYS G 15 4.08 20.09 -23.04
CA LYS G 15 5.50 19.95 -23.32
C LYS G 15 5.99 21.10 -24.17
N ARG G 16 7.31 21.31 -24.17
CA ARG G 16 7.93 22.39 -24.95
C ARG G 16 9.44 22.14 -25.14
N LYS G 17 10.06 22.85 -26.08
CA LYS G 17 11.48 22.79 -26.32
C LYS G 17 12.20 23.83 -25.49
N ASN G 18 13.32 23.45 -24.88
CA ASN G 18 14.22 24.43 -24.23
C ASN G 18 15.19 25.03 -25.26
N LYS G 19 16.03 25.97 -24.80
CA LYS G 19 17.05 26.63 -25.67
C LYS G 19 17.99 25.63 -26.35
N LYS G 20 18.32 24.53 -25.64
CA LYS G 20 19.19 23.47 -26.18
C LYS G 20 18.45 22.41 -27.07
N GLY G 21 17.19 22.65 -27.41
CA GLY G 21 16.45 21.78 -28.32
C GLY G 21 15.88 20.49 -27.74
N LYS G 22 15.97 20.28 -26.41
CA LYS G 22 15.47 19.08 -25.75
C LYS G 22 14.09 19.35 -25.14
N TRP G 23 13.32 18.29 -24.91
CA TRP G 23 11.96 18.42 -24.35
C TRP G 23 12.00 18.76 -22.86
N GLU G 24 11.03 19.57 -22.45
CA GLU G 24 10.73 19.81 -21.06
C GLU G 24 9.23 19.55 -20.90
N TYR G 25 8.84 19.00 -19.75
CA TYR G 25 7.47 18.58 -19.54
C TYR G 25 6.85 19.25 -18.32
N LEU G 26 5.58 19.63 -18.47
CA LEU G 26 4.82 20.26 -17.38
C LEU G 26 4.16 19.13 -16.63
N ILE G 27 4.59 18.92 -15.39
CA ILE G 27 4.21 17.75 -14.62
C ILE G 27 3.08 18.07 -13.68
N ARG G 28 2.06 17.22 -13.69
CA ARG G 28 1.03 17.20 -12.67
C ARG G 28 1.48 16.14 -11.67
N TRP G 29 1.71 16.57 -10.45
CA TRP G 29 2.20 15.73 -9.38
C TRP G 29 1.03 15.09 -8.64
N LYS G 30 1.05 13.76 -8.49
CA LYS G 30 -0.04 13.07 -7.80
C LYS G 30 -0.25 13.65 -6.41
N GLY G 31 -1.49 13.96 -6.11
CA GLY G 31 -1.90 14.52 -4.81
C GLY G 31 -1.85 16.04 -4.78
N TYR G 32 -1.51 16.67 -5.90
CA TYR G 32 -1.42 18.12 -5.97
C TYR G 32 -2.24 18.65 -7.14
N GLY G 33 -2.54 19.93 -7.09
CA GLY G 33 -3.39 20.58 -8.07
C GLY G 33 -2.57 21.27 -9.12
N SER G 34 -3.26 21.84 -10.09
CA SER G 34 -2.65 22.55 -11.19
C SER G 34 -1.75 23.69 -10.74
N THR G 35 -2.06 24.35 -9.62
CA THR G 35 -1.22 25.45 -9.12
C THR G 35 0.21 25.01 -8.77
N GLU G 36 0.41 23.73 -8.48
CA GLU G 36 1.74 23.23 -8.12
C GLU G 36 2.48 22.59 -9.31
N ASP G 37 1.96 22.69 -10.54
CA ASP G 37 2.63 22.06 -11.69
C ASP G 37 4.00 22.70 -11.92
N THR G 38 4.97 21.90 -12.34
CA THR G 38 6.29 22.42 -12.64
C THR G 38 6.80 21.91 -13.95
N TRP G 39 7.57 22.76 -14.62
CA TRP G 39 8.28 22.36 -15.83
C TRP G 39 9.54 21.63 -15.43
N GLU G 40 9.75 20.43 -15.98
CA GLU G 40 10.92 19.60 -15.66
C GLU G 40 11.59 19.09 -16.92
N PRO G 41 12.92 19.05 -16.95
CA PRO G 41 13.59 18.43 -18.12
C PRO G 41 13.48 16.90 -18.11
N GLU G 42 13.68 16.27 -19.28
CA GLU G 42 13.68 14.79 -19.42
CA GLU G 42 13.67 14.80 -19.42
C GLU G 42 14.43 14.10 -18.29
N HIS G 43 15.64 14.56 -17.96
CA HIS G 43 16.50 13.85 -16.98
C HIS G 43 15.88 13.75 -15.59
N HIS G 44 14.93 14.62 -15.26
CA HIS G 44 14.20 14.53 -13.99
C HIS G 44 13.10 13.48 -13.97
N LEU G 45 12.66 12.99 -15.13
CA LEU G 45 11.61 11.97 -15.20
C LEU G 45 12.25 10.60 -15.17
N LEU G 46 11.80 9.74 -14.26
CA LEU G 46 12.32 8.39 -14.14
C LEU G 46 11.28 7.42 -14.69
N HIS G 47 11.60 6.83 -15.84
CA HIS G 47 10.72 5.95 -16.56
C HIS G 47 9.24 6.41 -16.54
N CYS G 48 9.01 7.59 -17.10
CA CYS G 48 7.67 8.15 -17.30
C CYS G 48 7.22 8.00 -18.76
N GLU G 49 7.73 7.00 -19.47
CA GLU G 49 7.42 6.79 -20.88
C GLU G 49 5.93 6.66 -21.13
N GLU G 50 5.22 6.02 -20.22
CA GLU G 50 3.79 5.82 -20.39
C GLU G 50 3.05 7.14 -20.43
N PHE G 51 3.42 8.06 -19.52
CA PHE G 51 2.80 9.36 -19.48
C PHE G 51 3.17 10.23 -20.71
N ILE G 52 4.42 10.12 -21.15
CA ILE G 52 4.86 10.82 -22.37
C ILE G 52 4.10 10.31 -23.60
N ASP G 53 3.95 8.99 -23.71
CA ASP G 53 3.19 8.40 -24.81
C ASP G 53 1.70 8.83 -24.78
N GLU G 54 1.10 8.84 -23.59
CA GLU G 54 -0.30 9.25 -23.42
C GLU G 54 -0.48 10.69 -23.90
N PHE G 55 0.43 11.56 -23.50
CA PHE G 55 0.40 12.95 -23.93
C PHE G 55 0.56 13.10 -25.45
N ASN G 56 1.53 12.40 -26.03
CA ASN G 56 1.73 12.44 -27.50
C ASN G 56 0.65 11.71 -28.31
N GLY G 57 -0.19 10.92 -27.66
CA GLY G 57 -1.30 10.23 -28.33
C GLY G 57 -0.97 8.82 -28.80
N LEU G 58 0.27 8.35 -28.58
CA LEU G 58 0.65 6.97 -28.94
C LEU G 58 -0.14 5.90 -28.13
N HIS G 59 -0.52 6.18 -26.88
CA HIS G 59 -1.08 5.14 -25.94
C HIS G 59 -2.56 4.82 -26.21
C ACE H 1 13.29 1.55 -11.92
O ACE H 1 12.27 1.22 -12.58
CH3 ACE H 1 14.61 0.84 -12.18
N ALA H 2 13.31 2.54 -10.96
CA ALA H 2 12.12 3.31 -10.53
C ALA H 2 11.35 3.93 -11.66
N THR H 3 10.01 3.91 -11.57
CA THR H 3 9.12 4.33 -12.66
C THR H 3 7.98 5.23 -12.16
N LYS H 4 7.44 6.01 -13.11
CA LYS H 4 6.35 6.96 -12.88
C LYS H 4 6.57 7.96 -11.74
N VAL H 5 7.84 8.33 -11.53
CA VAL H 5 8.20 9.34 -10.56
C VAL H 5 9.17 10.27 -11.24
N ALA H 6 9.36 11.43 -10.63
CA ALA H 6 10.22 12.45 -11.18
C ALA H 6 10.75 13.32 -10.08
N ARG H 7 11.88 13.97 -10.33
CA ARG H 7 12.44 14.94 -9.36
C ARG H 7 11.80 16.30 -9.58
N M3L H 8 11.45 16.97 -8.50
CA M3L H 8 10.74 18.27 -8.56
CB M3L H 8 9.70 18.36 -7.43
CG M3L H 8 8.72 19.50 -7.73
CD M3L H 8 7.87 19.88 -6.52
CE M3L H 8 6.76 18.88 -6.31
NZ M3L H 8 5.68 19.34 -5.40
C M3L H 8 11.72 19.36 -8.36
O M3L H 8 12.47 19.31 -7.40
CM1 M3L H 8 5.00 20.53 -5.92
CM2 M3L H 8 6.14 19.61 -4.02
CM3 M3L H 8 4.76 18.20 -5.37
N SER H 9 11.68 20.36 -9.25
CA SER H 9 12.52 21.58 -9.12
C SER H 9 11.85 22.56 -8.21
N ALA H 10 12.59 23.17 -7.30
CA ALA H 10 12.06 24.31 -6.49
C ALA H 10 12.69 25.61 -6.98
N PRO H 11 11.91 26.64 -7.38
CA PRO H 11 10.47 26.56 -7.66
C PRO H 11 10.18 25.82 -8.98
N GLY I 1 1.79 5.87 8.29
CA GLY I 1 1.04 6.50 7.13
C GLY I 1 1.80 6.76 5.83
N ALA I 2 1.15 7.48 4.91
CA ALA I 2 1.71 7.85 3.59
C ALA I 2 2.57 9.16 3.60
N SER I 3 2.94 9.65 4.78
CA SER I 3 4.03 10.63 4.91
C SER I 3 5.36 9.93 4.63
N GLY I 4 6.40 10.75 4.53
CA GLY I 4 7.76 10.28 4.24
C GLY I 4 8.10 10.51 2.79
N ASP I 5 9.33 10.93 2.54
CA ASP I 5 9.77 11.29 1.18
C ASP I 5 10.08 10.04 0.40
N LEU I 6 9.76 10.05 -0.89
CA LEU I 6 10.07 8.93 -1.76
C LEU I 6 11.55 8.94 -2.15
N TYR I 7 12.17 7.77 -2.07
CA TYR I 7 13.48 7.50 -2.61
C TYR I 7 13.46 6.20 -3.38
N GLU I 8 14.31 6.10 -4.40
CA GLU I 8 14.45 4.89 -5.16
C GLU I 8 15.10 3.81 -4.29
N VAL I 9 14.56 2.59 -4.40
CA VAL I 9 15.05 1.40 -3.70
C VAL I 9 16.02 0.63 -4.58
N GLU I 10 17.11 0.16 -3.99
CA GLU I 10 18.09 -0.66 -4.71
C GLU I 10 17.83 -2.13 -4.51
N ARG I 11 17.66 -2.55 -3.25
CA ARG I 11 17.22 -3.89 -2.94
C ARG I 11 16.72 -4.00 -1.52
N ILE I 12 16.19 -5.18 -1.19
CA ILE I 12 15.75 -5.49 0.15
C ILE I 12 16.79 -6.41 0.80
N VAL I 13 17.29 -5.98 1.97
CA VAL I 13 18.41 -6.59 2.68
C VAL I 13 17.92 -7.65 3.67
N ASP I 14 16.74 -7.44 4.25
CA ASP I 14 16.20 -8.33 5.28
C ASP I 14 14.70 -8.09 5.43
N LYS I 15 14.01 -9.00 6.11
CA LYS I 15 12.61 -8.78 6.45
C LYS I 15 12.29 -9.34 7.81
N ARG I 16 11.20 -8.89 8.41
CA ARG I 16 10.79 -9.34 9.75
C ARG I 16 9.32 -9.06 10.00
N LYS I 17 8.77 -9.74 11.01
CA LYS I 17 7.41 -9.45 11.49
C LYS I 17 7.52 -8.46 12.63
N ASN I 18 6.64 -7.45 12.65
CA ASN I 18 6.51 -6.55 13.80
C ASN I 18 5.60 -7.17 14.89
N LYS I 19 5.41 -6.47 16.01
CA LYS I 19 4.54 -6.94 17.13
C LYS I 19 3.10 -7.28 16.66
N LYS I 20 2.58 -6.52 15.69
CA LYS I 20 1.23 -6.76 15.13
C LYS I 20 1.18 -7.83 14.00
N GLY I 21 2.26 -8.55 13.77
CA GLY I 21 2.30 -9.63 12.76
C GLY I 21 2.40 -9.22 11.29
N LYS I 22 2.65 -7.95 10.99
CA LYS I 22 2.78 -7.45 9.60
C LYS I 22 4.24 -7.34 9.20
N TRP I 23 4.54 -7.49 7.90
CA TRP I 23 5.93 -7.40 7.42
C TRP I 23 6.54 -6.01 7.53
N GLU I 24 7.84 -5.98 7.83
CA GLU I 24 8.67 -4.82 7.67
C GLU I 24 9.86 -5.24 6.86
N TYR I 25 10.38 -4.36 6.02
CA TYR I 25 11.53 -4.66 5.16
C TYR I 25 12.68 -3.69 5.40
N LEU I 26 13.88 -4.22 5.40
CA LEU I 26 15.10 -3.43 5.57
C LEU I 26 15.54 -3.03 4.17
N ILE I 27 15.46 -1.72 3.91
CA ILE I 27 15.63 -1.19 2.56
C ILE I 27 17.04 -0.67 2.38
N ARG I 28 17.66 -1.07 1.28
CA ARG I 28 18.88 -0.46 0.77
C ARG I 28 18.44 0.57 -0.23
N TRP I 29 18.75 1.83 0.05
CA TRP I 29 18.32 2.95 -0.79
C TRP I 29 19.37 3.22 -1.86
N LYS I 30 18.96 3.28 -3.12
CA LYS I 30 19.91 3.54 -4.22
C LYS I 30 20.71 4.81 -3.96
N GLY I 31 22.02 4.70 -4.08
CA GLY I 31 22.94 5.81 -3.89
C GLY I 31 23.41 5.96 -2.45
N TYR I 32 22.99 5.06 -1.56
CA TYR I 32 23.36 5.11 -0.16
C TYR I 32 23.95 3.77 0.27
N GLY I 33 24.67 3.80 1.38
CA GLY I 33 25.35 2.62 1.89
C GLY I 33 24.52 1.90 2.93
N SER I 34 25.05 0.77 3.38
CA SER I 34 24.41 -0.03 4.41
C SER I 34 24.12 0.76 5.70
N THR I 35 24.96 1.75 6.04
CA THR I 35 24.74 2.57 7.24
C THR I 35 23.42 3.34 7.23
N GLU I 36 22.88 3.63 6.04
CA GLU I 36 21.63 4.37 5.91
C GLU I 36 20.40 3.47 5.73
N ASP I 37 20.53 2.15 5.85
CA ASP I 37 19.38 1.25 5.66
C ASP I 37 18.32 1.53 6.71
N THR I 38 17.06 1.42 6.34
CA THR I 38 15.98 1.61 7.29
C THR I 38 14.96 0.52 7.17
N TRP I 39 14.36 0.20 8.30
CA TRP I 39 13.22 -0.70 8.36
C TRP I 39 11.97 0.07 7.99
N GLU I 40 11.21 -0.44 7.03
CA GLU I 40 9.98 0.22 6.56
C GLU I 40 8.82 -0.77 6.48
N PRO I 41 7.61 -0.36 6.89
CA PRO I 41 6.46 -1.24 6.70
C PRO I 41 6.01 -1.39 5.25
N GLU I 42 5.26 -2.44 4.93
CA GLU I 42 4.74 -2.71 3.57
C GLU I 42 4.16 -1.46 2.92
N HIS I 43 3.32 -0.71 3.64
CA HIS I 43 2.61 0.44 3.07
C HIS I 43 3.54 1.55 2.56
N HIS I 44 4.79 1.60 3.04
CA HIS I 44 5.78 2.55 2.52
C HIS I 44 6.39 2.13 1.19
N LEU I 45 6.28 0.86 0.80
CA LEU I 45 6.85 0.39 -0.48
C LEU I 45 5.82 0.55 -1.56
N LEU I 46 6.19 1.19 -2.67
CA LEU I 46 5.32 1.39 -3.81
C LEU I 46 5.80 0.45 -4.90
N HIS I 47 5.00 -0.57 -5.19
CA HIS I 47 5.31 -1.56 -6.22
C HIS I 47 6.81 -1.98 -6.22
N CYS I 48 7.24 -2.53 -5.09
CA CYS I 48 8.58 -3.12 -4.93
C CYS I 48 8.52 -4.64 -4.99
N GLU I 49 7.54 -5.20 -5.69
CA GLU I 49 7.35 -6.65 -5.78
C GLU I 49 8.60 -7.36 -6.26
N GLU I 50 9.32 -6.77 -7.19
CA GLU I 50 10.50 -7.39 -7.76
C GLU I 50 11.56 -7.59 -6.71
N PHE I 51 11.76 -6.59 -5.87
CA PHE I 51 12.76 -6.66 -4.80
C PHE I 51 12.34 -7.62 -3.70
N ILE I 52 11.05 -7.66 -3.38
CA ILE I 52 10.52 -8.65 -2.41
C ILE I 52 10.71 -10.08 -2.94
N ASP I 53 10.41 -10.30 -4.21
CA ASP I 53 10.63 -11.62 -4.84
C ASP I 53 12.11 -12.03 -4.84
N GLU I 54 12.99 -11.09 -5.18
CA GLU I 54 14.45 -11.33 -5.22
C GLU I 54 14.91 -11.79 -3.82
N PHE I 55 14.47 -11.07 -2.78
CA PHE I 55 14.80 -11.45 -1.43
C PHE I 55 14.26 -12.81 -1.03
N ASN I 56 13.00 -13.10 -1.33
CA ASN I 56 12.40 -14.41 -1.02
C ASN I 56 12.92 -15.56 -1.91
N GLY I 57 13.62 -15.25 -3.00
CA GLY I 57 14.24 -16.26 -3.85
C GLY I 57 15.68 -16.60 -3.49
N LEU I 58 16.23 -16.00 -2.44
CA LEU I 58 17.61 -16.29 -1.99
C LEU I 58 17.79 -17.74 -1.52
N HIS I 59 16.75 -18.38 -0.93
CA HIS I 59 16.84 -19.83 -0.48
C HIS I 59 15.73 -20.80 -1.03
C ACE J 1 2.95 3.66 -10.27
O ACE J 1 3.63 2.83 -10.89
CH3 ACE J 1 1.45 3.79 -10.46
N ALA J 2 3.53 4.46 -9.36
CA ALA J 2 4.99 4.44 -9.16
C ALA J 2 5.51 3.11 -8.72
N THR J 3 6.69 2.73 -9.24
CA THR J 3 7.31 1.48 -8.90
C THR J 3 8.71 1.68 -8.38
N LYS J 4 9.14 0.69 -7.61
CA LYS J 4 10.50 0.59 -7.06
C LYS J 4 10.98 1.82 -6.31
N VAL J 5 10.05 2.43 -5.57
CA VAL J 5 10.36 3.51 -4.66
C VAL J 5 9.64 3.26 -3.35
N ALA J 6 10.07 3.94 -2.30
CA ALA J 6 9.43 3.79 -1.03
C ALA J 6 9.64 4.98 -0.15
N ARG J 7 8.77 5.12 0.85
CA ARG J 7 8.81 6.23 1.74
C ARG J 7 9.75 5.93 2.88
N M3L J 8 10.84 6.69 2.96
CA M3L J 8 11.79 6.57 4.07
CB M3L J 8 13.03 7.36 3.73
CG M3L J 8 14.21 6.91 4.58
CD M3L J 8 15.37 7.88 4.42
CE M3L J 8 16.14 7.59 3.14
NZ M3L J 8 17.49 8.18 3.10
C M3L J 8 11.16 7.09 5.34
O M3L J 8 10.36 8.02 5.32
CM1 M3L J 8 18.42 7.52 4.06
CM2 M3L J 8 17.48 9.63 3.36
CM3 M3L J 8 18.00 7.96 1.73
N SER J 9 11.52 6.48 6.46
CA SER J 9 11.14 6.99 7.79
C SER J 9 12.36 7.70 8.39
N ALA J 10 12.11 8.77 9.14
CA ALA J 10 13.14 9.42 9.97
C ALA J 10 13.31 8.62 11.26
N GLY K 1 15.18 -36.10 10.23
CA GLY K 1 16.47 -36.53 10.90
C GLY K 1 16.75 -35.84 12.22
CA SER K 3 19.94 -34.82 13.26
C SER K 3 21.32 -34.14 13.23
N GLY K 4 21.35 -32.87 12.80
CA GLY K 4 22.54 -32.07 12.73
C GLY K 4 22.75 -31.20 13.97
N ASP K 5 23.65 -30.25 13.83
CA ASP K 5 24.22 -29.55 15.00
C ASP K 5 23.27 -28.50 15.48
N LEU K 6 23.20 -28.33 16.79
CA LEU K 6 22.40 -27.28 17.41
C LEU K 6 23.08 -25.93 17.30
N TYR K 7 22.32 -24.93 16.90
CA TYR K 7 22.72 -23.53 16.97
C TYR K 7 21.61 -22.71 17.60
N GLU K 8 21.99 -21.63 18.28
CA GLU K 8 21.03 -20.71 18.85
C GLU K 8 20.29 -19.96 17.71
N VAL K 9 18.99 -19.83 17.88
CA VAL K 9 18.09 -19.14 16.96
C VAL K 9 17.89 -17.69 17.41
N GLU K 10 17.92 -16.76 16.46
CA GLU K 10 17.67 -15.35 16.75
C GLU K 10 16.23 -14.98 16.53
N ARG K 11 15.70 -15.34 15.37
CA ARG K 11 14.27 -15.21 15.11
C ARG K 11 13.87 -16.03 13.90
N ILE K 12 12.56 -16.04 13.66
CA ILE K 12 11.98 -16.70 12.50
C ILE K 12 11.60 -15.63 11.47
N VAL K 13 12.12 -15.80 10.26
CA VAL K 13 12.01 -14.82 9.18
C VAL K 13 10.77 -15.07 8.31
N ASP K 14 10.39 -16.34 8.15
CA ASP K 14 9.29 -16.72 7.28
C ASP K 14 8.82 -18.13 7.60
N LYS K 15 7.65 -18.51 7.10
CA LYS K 15 7.18 -19.89 7.24
C LYS K 15 6.45 -20.33 6.00
N ARG K 16 6.32 -21.65 5.82
CA ARG K 16 5.63 -22.23 4.67
C ARG K 16 5.22 -23.69 4.93
N LYS K 17 4.33 -24.20 4.09
CA LYS K 17 3.93 -25.61 4.14
C LYS K 17 4.81 -26.42 3.21
N ASN K 18 5.26 -27.58 3.67
CA ASN K 18 5.96 -28.55 2.79
C ASN K 18 4.96 -29.43 2.04
N LYS K 19 5.47 -30.33 1.19
CA LYS K 19 4.62 -31.28 0.41
C LYS K 19 3.69 -32.12 1.30
N LYS K 20 4.15 -32.48 2.50
CA LYS K 20 3.36 -33.27 3.47
C LYS K 20 2.41 -32.41 4.36
N GLY K 21 2.26 -31.12 4.07
CA GLY K 21 1.32 -30.25 4.80
C GLY K 21 1.77 -29.74 6.17
N LYS K 22 3.03 -29.98 6.57
CA LYS K 22 3.56 -29.54 7.87
C LYS K 22 4.36 -28.25 7.71
N TRP K 23 4.49 -27.48 8.78
CA TRP K 23 5.23 -26.20 8.74
C TRP K 23 6.75 -26.40 8.59
N GLU K 24 7.36 -25.49 7.85
CA GLU K 24 8.79 -25.32 7.82
C GLU K 24 9.06 -23.85 8.10
N TYR K 25 10.15 -23.57 8.79
CA TYR K 25 10.46 -22.20 9.21
C TYR K 25 11.83 -21.77 8.68
N LEU K 26 11.90 -20.51 8.24
CA LEU K 26 13.14 -19.92 7.77
C LEU K 26 13.80 -19.28 8.98
N ILE K 27 14.95 -19.85 9.38
CA ILE K 27 15.58 -19.51 10.64
C ILE K 27 16.70 -18.51 10.40
N ARG K 28 16.70 -17.45 11.21
CA ARG K 28 17.82 -16.55 11.34
C ARG K 28 18.61 -17.05 12.53
N TRP K 29 19.85 -17.46 12.28
CA TRP K 29 20.72 -18.04 13.31
C TRP K 29 21.51 -16.94 13.98
N LYS K 30 21.47 -16.88 15.32
CA LYS K 30 22.19 -15.85 16.07
C LYS K 30 23.66 -15.85 15.69
N GLY K 31 24.17 -14.66 15.36
CA GLY K 31 25.56 -14.45 14.99
C GLY K 31 25.81 -14.61 13.50
N TYR K 32 24.76 -14.85 12.72
CA TYR K 32 24.88 -15.01 11.28
C TYR K 32 23.93 -14.06 10.56
N GLY K 33 24.21 -13.84 9.29
CA GLY K 33 23.44 -12.93 8.47
C GLY K 33 22.36 -13.64 7.69
N SER K 34 21.57 -12.86 6.99
CA SER K 34 20.51 -13.38 6.15
C SER K 34 21.00 -14.41 5.10
N THR K 35 22.23 -14.26 4.61
CA THR K 35 22.78 -15.22 3.63
C THR K 35 22.88 -16.65 4.16
N GLU K 36 22.98 -16.83 5.49
CA GLU K 36 23.03 -18.16 6.08
C GLU K 36 21.68 -18.72 6.55
N ASP K 37 20.57 -18.04 6.26
CA ASP K 37 19.26 -18.53 6.73
C ASP K 37 18.95 -19.89 6.10
N THR K 38 18.29 -20.75 6.87
CA THR K 38 17.91 -22.06 6.33
C THR K 38 16.49 -22.36 6.68
N TRP K 39 15.84 -23.09 5.78
CA TRP K 39 14.52 -23.63 6.01
C TRP K 39 14.67 -24.91 6.85
N GLU K 40 13.94 -24.99 7.96
CA GLU K 40 13.98 -26.14 8.86
C GLU K 40 12.59 -26.62 9.22
N PRO K 41 12.38 -27.95 9.29
CA PRO K 41 11.07 -28.44 9.76
C PRO K 41 10.88 -28.25 11.27
N GLU K 42 9.62 -28.27 11.73
CA GLU K 42 9.27 -28.15 13.15
C GLU K 42 10.15 -29.01 14.04
N HIS K 43 10.37 -30.29 13.67
CA HIS K 43 11.12 -31.22 14.55
C HIS K 43 12.57 -30.77 14.82
N HIS K 44 13.14 -29.93 13.98
CA HIS K 44 14.47 -29.37 14.23
C HIS K 44 14.49 -28.24 15.25
N LEU K 45 13.34 -27.62 15.55
CA LEU K 45 13.28 -26.52 16.52
C LEU K 45 13.04 -27.10 17.91
N LEU K 46 13.89 -26.72 18.86
CA LEU K 46 13.75 -27.17 20.24
C LEU K 46 13.23 -26.01 21.07
N HIS K 47 11.99 -26.13 21.52
CA HIS K 47 11.33 -25.10 22.31
C HIS K 47 11.61 -23.67 21.78
N CYS K 48 11.23 -23.44 20.52
CA CYS K 48 11.27 -22.12 19.89
C CYS K 48 9.88 -21.49 19.82
N GLU K 49 8.99 -21.86 20.76
CA GLU K 49 7.61 -21.37 20.75
C GLU K 49 7.54 -19.84 20.74
N GLU K 50 8.45 -19.20 21.46
CA GLU K 50 8.44 -17.76 21.57
C GLU K 50 8.67 -17.11 20.21
N PHE K 51 9.62 -17.64 19.45
CA PHE K 51 9.91 -17.12 18.12
C PHE K 51 8.79 -17.39 17.12
N ILE K 52 8.16 -18.56 17.22
CA ILE K 52 7.00 -18.89 16.38
C ILE K 52 5.83 -17.95 16.70
N ASP K 53 5.57 -17.71 17.98
CA ASP K 53 4.51 -16.78 18.38
C ASP K 53 4.79 -15.33 17.89
N GLU K 54 6.03 -14.89 18.02
CA GLU K 54 6.45 -13.54 17.58
C GLU K 54 6.18 -13.38 16.09
N PHE K 55 6.57 -14.39 15.31
CA PHE K 55 6.31 -14.38 13.88
C PHE K 55 4.82 -14.37 13.55
N ASN K 56 4.02 -15.22 14.19
CA ASN K 56 2.57 -15.24 13.96
C ASN K 56 1.82 -14.03 14.54
N GLY K 57 2.46 -13.23 15.38
CA GLY K 57 1.86 -12.02 15.92
C GLY K 57 1.17 -12.19 17.27
N LEU K 58 1.20 -13.41 17.82
CA LEU K 58 0.62 -13.65 19.17
C LEU K 58 1.43 -12.94 20.26
N HIS K 59 0.74 -12.22 21.13
CA HIS K 59 1.38 -11.54 22.28
C ACE L 1 15.19 -27.95 27.34
O ACE L 1 14.78 -26.81 27.63
CH3 ACE L 1 14.65 -29.18 28.08
N ALA L 2 16.14 -28.19 26.37
CA ALA L 2 16.80 -27.09 25.58
C ALA L 2 15.78 -26.19 24.91
N THR L 3 16.02 -24.87 25.01
CA THR L 3 15.16 -23.86 24.43
C THR L 3 15.94 -22.92 23.50
N LYS L 4 15.18 -22.39 22.53
CA LYS L 4 15.62 -21.37 21.61
C LYS L 4 16.85 -21.81 20.85
N VAL L 5 16.88 -23.09 20.47
CA VAL L 5 17.95 -23.61 19.64
C VAL L 5 17.34 -24.52 18.63
N ALA L 6 18.11 -24.91 17.62
CA ALA L 6 17.56 -25.75 16.57
C ALA L 6 18.63 -26.42 15.78
N ARG L 7 18.33 -27.60 15.26
CA ARG L 7 19.23 -28.29 14.34
C ARG L 7 19.23 -27.64 12.96
N M3L L 8 20.41 -27.51 12.38
CA M3L L 8 20.63 -26.89 11.07
CB M3L L 8 21.86 -25.99 11.17
CG M3L L 8 21.96 -25.04 9.99
CD M3L L 8 23.35 -24.45 9.82
CE M3L L 8 23.47 -23.16 10.63
NZ M3L L 8 24.68 -22.35 10.31
C M3L L 8 20.89 -27.94 10.01
O M3L L 8 21.65 -28.87 10.26
CM1 M3L L 8 24.64 -21.84 8.92
CM2 M3L L 8 25.94 -23.10 10.49
CM3 M3L L 8 24.66 -21.23 11.27
N SER L 9 20.30 -27.76 8.84
CA SER L 9 20.57 -28.63 7.67
C SER L 9 21.73 -28.07 6.84
N ALA L 10 22.50 -28.95 6.21
CA ALA L 10 23.67 -28.56 5.38
C ALA L 10 23.40 -28.79 3.89
NI NI M . -18.02 2.86 16.79
UNK UNX N . -0.04 -2.55 3.73
UNK UNX O . -22.65 9.74 6.92
UNK UNX P . -24.12 0.22 13.00
UNK UNX Q . -0.71 3.94 9.37
UNK UNX R . -22.28 14.87 0.84
UNK UNX S . -20.90 12.07 6.29
NI NI T . -12.54 -18.97 -18.03
UNK UNX U . -5.69 -8.27 11.59
NI NI V . 1.36 18.95 3.05
UNK UNX W . -19.46 21.30 13.99
UNK UNX X . -20.99 21.83 6.74
UNK UNX Y . -21.21 19.41 5.50
UNK UNX Z . -10.77 20.98 -2.74
UNK UNX AA . -17.71 30.76 4.65
UNK UNX BA . 4.87 15.60 4.86
UNK UNX CA . 4.42 19.54 -0.41
UNK UNX DA . -13.42 17.40 11.88
UNK UNX EA . -10.87 31.56 13.01
UNK UNX FA . -22.10 41.02 2.04
UNK UNX GA . -18.75 26.25 13.86
UNK UNX HA . -0.96 23.22 -2.44
NI NI IA . 18.60 18.44 -12.91
UNK UNX JA . 17.56 16.50 -20.26
UNK UNX KA . -2.58 21.90 -4.80
UNK UNX LA . 2.85 9.26 -4.16
UNK UNX MA . 4.61 11.52 -4.11
UNK UNX NA . 14.70 4.84 -13.06
NI NI OA . 3.53 5.23 7.33
UNK UNX PA . 2.30 9.22 9.01
UNK UNX QA . 5.39 -3.24 -2.85
UNK UNX RA . 2.34 3.09 -6.58
UNK UNX SA . 9.21 -1.77 -12.31
NI NI TA . 15.49 -34.04 10.60
UNK UNX UA . 24.86 -31.07 18.10
#